data_6TOI
#
_entry.id   6TOI
#
_cell.length_a   67.660
_cell.length_b   67.660
_cell.length_c   166.640
_cell.angle_alpha   90.000
_cell.angle_beta   90.000
_cell.angle_gamma   120.000
#
_symmetry.space_group_name_H-M   'P 61 2 2'
#
loop_
_entity.id
_entity.type
_entity.pdbx_description
1 polymer 'B-cell lymphoma 6 protein'
2 polymer ALA-TRP-VAL-ILE-PRO-ALA
3 non-polymer 2-chloranyl-4-[[1-methyl-3-[(3~{R})-3-oxidanylbutyl]-2-oxidanylidene-benzimidazol-5-yl]amino]pyridine-3-carbonitrile
4 non-polymer 1,2-ETHANEDIOL
5 non-polymer 'DIMETHYL SULFOXIDE'
6 water water
#
loop_
_entity_poly.entity_id
_entity_poly.type
_entity_poly.pdbx_seq_one_letter_code
_entity_poly.pdbx_strand_id
1 'polypeptide(L)'
;GPGADSCIQFTRHASDVLLNLNRLRSRDILTDVVIVVSREQFRAHKTVLMACSGLFYSIFTDQLKCNLSVINLDPEINPE
GFCILLDFMYTSRLNLREGNIMAVMATAMYLQMEHVVDTCRKFIKASE
;
A
2 'polypeptide(L)' AWVIPA B
#
# COMPACT_ATOMS: atom_id res chain seq x y z
N ALA A 4 -22.03 19.61 -5.24
CA ALA A 4 -22.21 20.52 -6.37
C ALA A 4 -21.29 20.20 -7.55
N ASP A 5 -21.72 20.62 -8.77
CA ASP A 5 -20.97 20.45 -10.02
C ASP A 5 -20.08 21.69 -10.28
N SER A 6 -20.15 22.68 -9.37
CA SER A 6 -19.41 23.94 -9.42
C SER A 6 -18.15 23.97 -8.50
N CYS A 7 -17.67 22.81 -8.05
CA CYS A 7 -16.48 22.72 -7.18
CA CYS A 7 -16.50 22.77 -7.18
C CYS A 7 -15.22 23.13 -7.94
N ILE A 8 -14.21 23.64 -7.22
CA ILE A 8 -12.85 23.87 -7.76
C ILE A 8 -12.07 22.69 -7.15
N GLN A 9 -10.90 22.37 -7.68
N GLN A 9 -11.02 22.24 -7.85
CA GLN A 9 -10.12 21.23 -7.17
CA GLN A 9 -10.17 21.10 -7.52
C GLN A 9 -8.66 21.58 -6.99
C GLN A 9 -8.78 21.56 -7.12
N PHE A 10 -8.09 21.21 -5.83
N PHE A 10 -8.14 20.83 -6.19
CA PHE A 10 -6.66 21.44 -5.59
CA PHE A 10 -6.77 21.07 -5.74
C PHE A 10 -5.92 20.21 -6.13
C PHE A 10 -5.95 19.89 -6.21
N THR A 11 -5.21 20.39 -7.24
N THR A 11 -5.23 20.09 -7.34
CA THR A 11 -4.54 19.28 -7.93
CA THR A 11 -4.46 19.06 -8.04
C THR A 11 -3.62 18.40 -7.03
C THR A 11 -3.40 18.34 -7.19
N ARG A 12 -2.78 19.05 -6.22
CA ARG A 12 -1.81 18.35 -5.35
C ARG A 12 -2.40 17.80 -4.04
N HIS A 13 -3.72 17.95 -3.78
CA HIS A 13 -4.27 17.57 -2.48
C HIS A 13 -4.06 16.10 -2.14
N ALA A 14 -4.45 15.20 -3.05
CA ALA A 14 -4.36 13.77 -2.74
C ALA A 14 -2.91 13.37 -2.43
N SER A 15 -1.93 13.88 -3.20
N SER A 15 -1.95 13.89 -3.19
CA SER A 15 -0.52 13.54 -2.94
CA SER A 15 -0.54 13.57 -2.98
C SER A 15 -0.01 14.16 -1.64
C SER A 15 -0.06 14.14 -1.63
N ASP A 16 -0.52 15.36 -1.26
CA ASP A 16 -0.15 16.00 0.01
C ASP A 16 -0.72 15.19 1.17
N VAL A 17 -1.94 14.68 1.04
CA VAL A 17 -2.54 13.83 2.12
C VAL A 17 -1.70 12.57 2.30
N LEU A 18 -1.38 11.90 1.19
CA LEU A 18 -0.63 10.65 1.25
C LEU A 18 0.74 10.86 1.88
N LEU A 19 1.40 11.96 1.51
CA LEU A 19 2.69 12.32 2.11
C LEU A 19 2.55 12.45 3.63
N ASN A 20 1.48 13.11 4.10
CA ASN A 20 1.27 13.27 5.52
C ASN A 20 0.94 11.95 6.21
N LEU A 21 0.18 11.08 5.55
CA LEU A 21 -0.11 9.76 6.14
C LEU A 21 1.20 8.96 6.26
N ASN A 22 2.09 9.07 5.25
CA ASN A 22 3.39 8.39 5.36
C ASN A 22 4.24 8.99 6.48
N ARG A 23 4.14 10.31 6.73
CA ARG A 23 4.90 10.93 7.86
C ARG A 23 4.33 10.43 9.19
N LEU A 24 3.01 10.26 9.29
CA LEU A 24 2.39 9.66 10.49
C LEU A 24 2.92 8.24 10.67
N ARG A 25 2.97 7.43 9.58
CA ARG A 25 3.50 6.08 9.69
C ARG A 25 4.97 6.08 10.17
N SER A 26 5.82 6.95 9.59
N SER A 26 5.82 6.96 9.61
N SER A 26 5.82 6.94 9.60
CA SER A 26 7.24 7.03 9.96
CA SER A 26 7.22 7.06 9.97
CA SER A 26 7.24 7.03 9.96
C SER A 26 7.47 7.42 11.43
C SER A 26 7.39 7.31 11.47
C SER A 26 7.44 7.38 11.45
N ARG A 27 6.53 8.18 11.99
CA ARG A 27 6.58 8.58 13.38
C ARG A 27 5.76 7.71 14.33
N ASP A 28 5.17 6.69 13.76
CA ASP A 28 4.33 5.73 14.45
C ASP A 28 3.12 6.41 15.12
N ILE A 29 2.52 7.38 14.40
CA ILE A 29 1.39 8.10 14.99
C ILE A 29 0.07 7.51 14.51
N LEU A 30 -0.79 7.10 15.47
CA LEU A 30 -2.14 6.55 15.25
C LEU A 30 -2.14 5.29 14.40
N THR A 31 -1.00 4.62 14.30
CA THR A 31 -0.94 3.29 13.67
C THR A 31 -1.76 2.37 14.57
N ASP A 32 -2.56 1.48 13.97
CA ASP A 32 -3.52 0.67 14.74
C ASP A 32 -3.47 -0.80 14.42
N VAL A 33 -2.46 -1.23 13.66
CA VAL A 33 -2.31 -2.65 13.36
C VAL A 33 -0.85 -2.98 13.17
N VAL A 34 -0.46 -4.22 13.51
CA VAL A 34 0.84 -4.77 13.22
C VAL A 34 0.60 -5.90 12.24
N ILE A 35 1.28 -5.88 11.10
CA ILE A 35 1.26 -6.95 10.12
C ILE A 35 2.51 -7.78 10.37
N VAL A 36 2.33 -9.08 10.60
CA VAL A 36 3.45 -9.97 10.87
C VAL A 36 3.71 -10.83 9.63
N VAL A 37 4.97 -10.78 9.13
CA VAL A 37 5.39 -11.52 7.93
C VAL A 37 6.63 -12.31 8.35
N SER A 38 6.39 -13.55 8.77
N SER A 38 6.43 -13.58 8.70
CA SER A 38 7.45 -14.41 9.27
CA SER A 38 7.54 -14.46 9.07
C SER A 38 8.04 -13.76 10.51
C SER A 38 8.45 -13.85 10.12
N ARG A 39 9.33 -13.58 10.55
N ARG A 39 7.85 -13.38 11.19
CA ARG A 39 9.90 -12.93 11.72
CA ARG A 39 8.52 -12.76 12.35
C ARG A 39 9.51 -11.44 11.88
C ARG A 39 9.08 -11.35 12.14
N GLU A 40 9.47 -10.73 10.77
N GLU A 40 8.79 -10.75 10.99
CA GLU A 40 9.22 -9.29 10.71
CA GLU A 40 9.15 -9.36 10.71
C GLU A 40 7.84 -8.73 11.07
C GLU A 40 7.81 -8.65 10.97
N GLN A 41 7.84 -7.54 11.68
CA GLN A 41 6.59 -6.86 12.05
C GLN A 41 6.56 -5.50 11.38
N PHE A 42 5.37 -5.11 10.88
CA PHE A 42 5.21 -3.81 10.20
C PHE A 42 4.01 -3.11 10.77
N ARG A 43 4.20 -1.89 11.27
CA ARG A 43 3.10 -1.13 11.84
C ARG A 43 2.45 -0.29 10.73
N ALA A 44 1.11 -0.22 10.73
CA ALA A 44 0.44 0.55 9.68
C ALA A 44 -0.90 1.08 10.16
N HIS A 45 -1.58 1.81 9.27
CA HIS A 45 -2.94 2.28 9.50
C HIS A 45 -3.88 1.36 8.73
N LYS A 46 -4.84 0.74 9.42
CA LYS A 46 -5.83 -0.14 8.78
C LYS A 46 -6.50 0.56 7.56
N THR A 47 -6.84 1.84 7.66
CA THR A 47 -7.51 2.53 6.54
C THR A 47 -6.66 2.59 5.30
N VAL A 48 -5.36 2.85 5.45
CA VAL A 48 -4.53 2.89 4.26
C VAL A 48 -4.41 1.51 3.64
N LEU A 49 -4.24 0.47 4.48
CA LEU A 49 -4.10 -0.90 3.96
C LEU A 49 -5.36 -1.31 3.20
N MET A 50 -6.56 -1.00 3.74
CA MET A 50 -7.81 -1.31 3.06
C MET A 50 -7.92 -0.52 1.76
N ALA A 51 -7.47 0.75 1.76
CA ALA A 51 -7.58 1.58 0.56
C ALA A 51 -6.70 1.04 -0.58
N CYS A 52 -5.60 0.31 -0.23
CA CYS A 52 -4.65 -0.14 -1.22
C CYS A 52 -4.68 -1.62 -1.60
N SER A 53 -5.40 -2.45 -0.83
CA SER A 53 -5.33 -3.91 -1.01
C SER A 53 -6.70 -4.56 -0.89
N GLY A 54 -7.07 -5.41 -1.85
CA GLY A 54 -8.31 -6.17 -1.76
C GLY A 54 -8.30 -7.14 -0.60
N LEU A 55 -7.09 -7.68 -0.24
CA LEU A 55 -7.00 -8.58 0.91
C LEU A 55 -7.30 -7.85 2.22
N PHE A 56 -6.64 -6.70 2.46
CA PHE A 56 -6.89 -5.97 3.70
C PHE A 56 -8.26 -5.36 3.73
N TYR A 57 -8.83 -5.01 2.55
CA TYR A 57 -10.19 -4.49 2.54
C TYR A 57 -11.14 -5.61 3.06
N SER A 58 -10.94 -6.86 2.61
CA SER A 58 -11.78 -7.98 3.07
C SER A 58 -11.56 -8.26 4.55
N ILE A 59 -10.31 -8.19 5.00
CA ILE A 59 -9.99 -8.44 6.41
C ILE A 59 -10.62 -7.42 7.33
N PHE A 60 -10.41 -6.14 7.07
CA PHE A 60 -10.84 -5.13 8.04
C PHE A 60 -12.32 -4.77 7.89
N THR A 61 -13.03 -5.34 6.89
CA THR A 61 -14.48 -5.15 6.83
C THR A 61 -15.19 -6.35 7.48
N ASP A 62 -14.42 -7.35 7.93
CA ASP A 62 -15.00 -8.51 8.59
C ASP A 62 -15.27 -8.10 10.04
N GLN A 63 -16.48 -8.41 10.56
CA GLN A 63 -16.95 -8.03 11.89
C GLN A 63 -16.09 -8.52 13.05
N LEU A 64 -15.33 -9.61 12.84
CA LEU A 64 -14.47 -10.17 13.87
C LEU A 64 -13.03 -9.68 13.67
N LYS A 65 -12.51 -9.71 12.43
CA LYS A 65 -11.12 -9.36 12.17
C LYS A 65 -10.83 -7.87 12.24
N CYS A 66 -11.85 -7.03 12.01
CA CYS A 66 -11.73 -5.56 12.09
C CYS A 66 -11.16 -5.12 13.46
N ASN A 67 -11.39 -5.94 14.50
CA ASN A 67 -10.96 -5.70 15.88
C ASN A 67 -9.56 -6.18 16.25
N LEU A 68 -8.93 -6.97 15.39
CA LEU A 68 -7.60 -7.47 15.70
C LEU A 68 -6.56 -6.38 15.55
N SER A 69 -5.56 -6.37 16.45
CA SER A 69 -4.47 -5.40 16.37
C SER A 69 -3.23 -6.06 15.77
N VAL A 70 -3.28 -7.37 15.51
CA VAL A 70 -2.18 -8.11 14.89
C VAL A 70 -2.78 -8.99 13.80
N ILE A 71 -2.21 -8.94 12.60
CA ILE A 71 -2.59 -9.82 11.49
C ILE A 71 -1.38 -10.60 11.03
N ASN A 72 -1.46 -11.94 11.01
CA ASN A 72 -0.33 -12.74 10.54
C ASN A 72 -0.55 -13.16 9.13
N LEU A 73 0.38 -12.82 8.23
CA LEU A 73 0.28 -13.22 6.82
C LEU A 73 0.80 -14.63 6.62
N ASP A 74 0.41 -15.24 5.49
CA ASP A 74 0.80 -16.61 5.08
C ASP A 74 2.36 -16.70 5.17
N PRO A 75 2.91 -17.79 5.76
CA PRO A 75 4.39 -17.89 5.91
C PRO A 75 5.17 -17.90 4.61
N GLU A 76 4.52 -18.15 3.47
CA GLU A 76 5.19 -18.12 2.17
C GLU A 76 5.47 -16.69 1.72
N ILE A 77 4.86 -15.69 2.37
CA ILE A 77 5.08 -14.29 1.94
C ILE A 77 6.43 -13.77 2.37
N ASN A 78 7.14 -13.16 1.43
CA ASN A 78 8.47 -12.61 1.63
C ASN A 78 8.40 -11.24 2.37
N PRO A 79 9.09 -11.07 3.52
CA PRO A 79 8.99 -9.77 4.23
C PRO A 79 9.51 -8.58 3.41
N GLU A 80 10.57 -8.77 2.58
CA GLU A 80 11.04 -7.67 1.76
C GLU A 80 9.98 -7.25 0.72
N GLY A 81 9.34 -8.25 0.09
CA GLY A 81 8.28 -8.00 -0.89
C GLY A 81 7.16 -7.23 -0.21
N PHE A 82 6.80 -7.62 1.02
CA PHE A 82 5.73 -6.88 1.74
C PHE A 82 6.19 -5.46 2.02
N CYS A 83 7.42 -5.30 2.49
CA CYS A 83 7.95 -3.98 2.83
C CYS A 83 7.89 -3.04 1.62
N ILE A 84 8.30 -3.52 0.45
CA ILE A 84 8.29 -2.72 -0.77
C ILE A 84 6.85 -2.30 -1.12
N LEU A 85 5.88 -3.22 -0.93
CA LEU A 85 4.48 -2.94 -1.25
C LEU A 85 3.87 -2.00 -0.23
N LEU A 86 4.26 -2.16 1.05
CA LEU A 86 3.79 -1.21 2.10
C LEU A 86 4.30 0.21 1.79
N ASP A 87 5.55 0.36 1.37
CA ASP A 87 6.10 1.66 0.97
C ASP A 87 5.35 2.23 -0.22
N PHE A 88 5.01 1.38 -1.20
CA PHE A 88 4.25 1.81 -2.37
C PHE A 88 2.86 2.34 -1.95
N MET A 89 2.20 1.62 -1.05
CA MET A 89 0.88 2.05 -0.55
C MET A 89 0.89 3.47 -0.02
N TYR A 90 1.94 3.79 0.76
CA TYR A 90 2.07 5.12 1.38
C TYR A 90 2.77 6.18 0.53
N THR A 91 3.29 5.81 -0.67
CA THR A 91 4.03 6.81 -1.44
C THR A 91 3.74 6.90 -2.91
N SER A 92 3.10 5.87 -3.50
N SER A 92 3.10 5.87 -3.50
CA SER A 92 2.85 5.68 -4.95
CA SER A 92 2.86 5.67 -4.95
C SER A 92 4.11 5.19 -5.69
C SER A 92 4.13 5.22 -5.71
N ARG A 93 5.26 5.03 -5.00
CA ARG A 93 6.53 4.63 -5.64
C ARG A 93 6.83 3.19 -5.34
N LEU A 94 7.12 2.42 -6.39
CA LEU A 94 7.36 0.99 -6.25
C LEU A 94 8.83 0.72 -6.58
N ASN A 95 9.58 0.16 -5.61
CA ASN A 95 11.01 -0.14 -5.82
C ASN A 95 11.16 -1.51 -6.45
N LEU A 96 10.89 -1.59 -7.73
CA LEU A 96 10.93 -2.82 -8.51
C LEU A 96 12.30 -3.05 -9.10
N ARG A 97 12.93 -4.17 -8.78
CA ARG A 97 14.29 -4.49 -9.24
C ARG A 97 14.33 -5.93 -9.71
N GLU A 98 15.29 -6.27 -10.58
CA GLU A 98 15.40 -7.66 -11.06
C GLU A 98 15.41 -8.67 -9.92
N GLY A 99 16.12 -8.34 -8.83
CA GLY A 99 16.26 -9.23 -7.67
C GLY A 99 15.06 -9.31 -6.73
N ASN A 100 14.03 -8.47 -6.93
CA ASN A 100 12.88 -8.56 -6.04
C ASN A 100 11.57 -8.71 -6.80
N ILE A 101 11.58 -8.62 -8.14
CA ILE A 101 10.31 -8.60 -8.88
C ILE A 101 9.45 -9.85 -8.68
N MET A 102 10.04 -11.05 -8.61
CA MET A 102 9.22 -12.24 -8.39
C MET A 102 8.52 -12.22 -7.06
N ALA A 103 9.23 -11.82 -5.98
CA ALA A 103 8.65 -11.74 -4.64
C ALA A 103 7.62 -10.62 -4.57
N VAL A 104 7.89 -9.46 -5.19
CA VAL A 104 6.93 -8.36 -5.20
C VAL A 104 5.66 -8.79 -5.89
N MET A 105 5.76 -9.42 -7.08
CA MET A 105 4.58 -9.86 -7.81
C MET A 105 3.79 -10.90 -7.02
N ALA A 106 4.47 -11.90 -6.43
CA ALA A 106 3.74 -12.92 -5.63
C ALA A 106 3.04 -12.26 -4.45
N THR A 107 3.69 -11.28 -3.79
CA THR A 107 3.08 -10.58 -2.66
C THR A 107 1.89 -9.72 -3.12
N ALA A 108 1.99 -9.04 -4.27
CA ALA A 108 0.90 -8.20 -4.81
C ALA A 108 -0.30 -9.04 -5.23
N MET A 109 -0.06 -10.26 -5.74
CA MET A 109 -1.14 -11.19 -6.07
C MET A 109 -1.89 -11.60 -4.78
N TYR A 110 -1.16 -11.94 -3.73
CA TYR A 110 -1.72 -12.31 -2.42
C TYR A 110 -2.49 -11.12 -1.79
N LEU A 111 -1.91 -9.95 -1.84
CA LEU A 111 -2.54 -8.79 -1.27
C LEU A 111 -3.64 -8.20 -2.14
N GLN A 112 -3.80 -8.74 -3.33
CA GLN A 112 -4.79 -8.26 -4.29
C GLN A 112 -4.62 -6.79 -4.67
N MET A 113 -3.42 -6.46 -5.11
CA MET A 113 -3.10 -5.12 -5.59
C MET A 113 -2.95 -5.27 -7.09
N GLU A 114 -4.03 -4.99 -7.80
CA GLU A 114 -4.18 -5.18 -9.25
C GLU A 114 -3.22 -4.41 -10.11
N HIS A 115 -3.02 -3.11 -9.84
CA HIS A 115 -2.10 -2.30 -10.65
C HIS A 115 -0.66 -2.75 -10.53
N VAL A 116 -0.25 -3.14 -9.32
CA VAL A 116 1.13 -3.62 -9.10
C VAL A 116 1.31 -4.92 -9.86
N VAL A 117 0.36 -5.85 -9.73
CA VAL A 117 0.47 -7.12 -10.44
C VAL A 117 0.63 -6.88 -11.96
N ASP A 118 -0.18 -5.98 -12.55
CA ASP A 118 -0.11 -5.68 -13.97
C ASP A 118 1.23 -5.14 -14.40
N THR A 119 1.86 -4.20 -13.63
N THR A 119 1.85 -4.23 -13.62
CA THR A 119 3.19 -3.70 -14.02
CA THR A 119 3.14 -3.66 -13.96
C THR A 119 4.25 -4.78 -13.88
C THR A 119 4.26 -4.69 -13.81
N CYS A 120 4.15 -5.63 -12.82
CA CYS A 120 5.11 -6.71 -12.60
C CYS A 120 5.09 -7.64 -13.79
N ARG A 121 3.87 -8.01 -14.25
CA ARG A 121 3.68 -8.88 -15.40
C ARG A 121 4.33 -8.29 -16.66
N LYS A 122 4.13 -6.98 -16.91
CA LYS A 122 4.69 -6.26 -18.07
C LYS A 122 6.22 -6.27 -18.04
N PHE A 123 6.83 -6.01 -16.87
CA PHE A 123 8.29 -6.01 -16.73
C PHE A 123 8.86 -7.40 -16.89
N ILE A 124 8.14 -8.44 -16.44
CA ILE A 124 8.60 -9.82 -16.62
C ILE A 124 8.53 -10.21 -18.08
N LYS A 125 7.41 -9.85 -18.77
CA LYS A 125 7.21 -10.16 -20.18
C LYS A 125 8.29 -9.50 -21.05
N ALA A 126 8.73 -8.28 -20.69
CA ALA A 126 9.81 -7.57 -21.41
C ALA A 126 11.19 -8.25 -21.30
N SER A 127 11.41 -8.98 -20.17
N SER A 127 11.45 -8.99 -20.21
CA SER A 127 12.63 -9.72 -19.83
CA SER A 127 12.75 -9.68 -20.05
C SER A 127 12.65 -11.16 -20.38
C SER A 127 12.79 -10.95 -20.90
N GLU A 128 11.60 -11.53 -21.15
CA GLU A 128 11.44 -12.81 -21.85
C GLU A 128 11.49 -12.62 -23.37
CA ALA B 1 -2.82 24.95 -7.73
C ALA B 1 -4.28 24.47 -7.81
N TRP B 2 -5.20 25.39 -8.02
N TRP B 2 -5.21 25.42 -7.95
CA TRP B 2 -6.63 25.15 -8.11
CA TRP B 2 -6.63 25.11 -8.10
C TRP B 2 -7.06 25.15 -9.56
C TRP B 2 -6.93 25.02 -9.58
N VAL B 3 -7.92 24.19 -9.93
CA VAL B 3 -8.39 24.08 -11.33
C VAL B 3 -9.89 23.83 -11.35
N ILE B 4 -10.47 23.92 -12.54
CA ILE B 4 -11.84 23.52 -12.83
C ILE B 4 -11.73 22.00 -13.15
N PRO B 5 -12.22 21.10 -12.30
CA PRO B 5 -12.05 19.66 -12.58
C PRO B 5 -12.86 19.15 -13.77
N ALA B 6 -12.35 18.13 -14.48
#